data_2JRV
#
_entry.id   2JRV
#
_cell.length_a   1.000
_cell.length_b   1.000
_cell.length_c   1.000
_cell.angle_alpha   90.00
_cell.angle_beta   90.00
_cell.angle_gamma   90.00
#
_symmetry.space_group_name_H-M   'P 1'
#
_entity_poly.entity_id   1
_entity_poly.type   'polypeptide(L)'
_entity_poly.pdbx_seq_one_letter_code
;PMTLPENYFSERPYH
;
_entity_poly.pdbx_strand_id   A
#
# COMPACT_ATOMS: atom_id res chain seq x y z
N PRO A 1 -7.25 1.50 -8.46
CA PRO A 1 -8.09 2.67 -8.76
C PRO A 1 -7.30 3.95 -8.45
N MET A 2 -6.42 3.91 -7.50
CA MET A 2 -5.62 5.13 -7.17
C MET A 2 -4.54 4.76 -6.16
N THR A 3 -4.63 3.60 -5.57
CA THR A 3 -3.61 3.19 -4.57
C THR A 3 -3.38 1.68 -4.67
N LEU A 4 -2.28 1.20 -4.15
CA LEU A 4 -2.00 -0.26 -4.21
C LEU A 4 -2.24 -0.89 -2.84
N PRO A 5 -2.48 -2.16 -2.81
CA PRO A 5 -2.75 -2.92 -1.55
C PRO A 5 -1.48 -3.13 -0.72
N GLU A 6 -1.62 -3.39 0.55
CA GLU A 6 -0.44 -3.60 1.42
C GLU A 6 0.38 -4.78 0.91
N ASN A 7 0.87 -4.72 -0.30
CA ASN A 7 1.68 -5.84 -0.84
C ASN A 7 2.50 -5.36 -2.03
N TYR A 8 3.00 -4.16 -1.96
CA TYR A 8 3.81 -3.62 -3.09
C TYR A 8 4.66 -2.44 -2.60
N PHE A 9 4.03 -1.31 -2.42
CA PHE A 9 4.77 -0.11 -1.94
C PHE A 9 4.98 -0.22 -0.43
N SER A 10 5.02 0.88 0.23
CA SER A 10 5.21 0.86 1.70
C SER A 10 3.89 0.49 2.36
N GLU A 11 3.80 -0.72 2.87
CA GLU A 11 2.53 -1.16 3.51
C GLU A 11 2.44 -0.56 4.91
N ARG A 12 2.21 0.72 4.99
CA ARG A 12 2.10 1.39 6.31
C ARG A 12 1.16 2.58 6.18
N PRO A 13 0.63 3.04 7.28
CA PRO A 13 -0.31 4.20 7.29
C PRO A 13 0.39 5.53 6.99
N TYR A 14 0.83 5.71 5.77
CA TYR A 14 1.51 6.98 5.40
C TYR A 14 0.46 8.02 5.01
N HIS A 15 0.41 9.13 5.69
CA HIS A 15 -0.61 10.18 5.34
C HIS A 15 -0.07 11.04 4.19
N PRO A 1 -9.41 3.69 -6.56
CA PRO A 1 -8.07 3.49 -7.18
C PRO A 1 -7.06 4.46 -6.54
N MET A 2 -6.02 4.80 -7.25
CA MET A 2 -5.00 5.72 -6.69
C MET A 2 -4.23 5.03 -5.57
N THR A 3 -4.91 4.35 -4.69
CA THR A 3 -4.22 3.65 -3.57
C THR A 3 -3.72 2.30 -4.06
N LEU A 4 -3.00 1.59 -3.24
CA LEU A 4 -2.48 0.25 -3.66
C LEU A 4 -2.68 -0.76 -2.53
N PRO A 5 -2.44 -2.01 -2.80
CA PRO A 5 -2.61 -3.11 -1.81
C PRO A 5 -1.42 -3.21 -0.85
N GLU A 6 -1.61 -3.86 0.26
CA GLU A 6 -0.50 -4.00 1.25
C GLU A 6 0.48 -5.07 0.78
N ASN A 7 0.95 -4.98 -0.44
CA ASN A 7 1.91 -6.00 -0.95
C ASN A 7 2.65 -5.43 -2.16
N TYR A 8 3.09 -4.21 -2.06
CA TYR A 8 3.82 -3.58 -3.20
C TYR A 8 4.63 -2.40 -2.68
N PHE A 9 3.99 -1.31 -2.40
CA PHE A 9 4.71 -0.13 -1.86
C PHE A 9 4.85 -0.28 -0.36
N SER A 10 5.01 0.81 0.33
CA SER A 10 5.14 0.73 1.81
C SER A 10 3.76 0.51 2.41
N GLU A 11 3.50 -0.68 2.88
CA GLU A 11 2.17 -0.99 3.46
C GLU A 11 2.10 -0.44 4.89
N ARG A 12 2.38 0.82 5.06
CA ARG A 12 2.31 1.44 6.41
C ARG A 12 1.67 2.82 6.28
N PRO A 13 1.31 3.40 7.40
CA PRO A 13 0.67 4.75 7.42
C PRO A 13 1.67 5.87 7.10
N TYR A 14 2.34 5.76 5.99
CA TYR A 14 3.34 6.82 5.63
C TYR A 14 3.05 7.31 4.20
N HIS A 15 3.10 8.60 3.99
CA HIS A 15 2.83 9.14 2.63
C HIS A 15 3.89 10.19 2.27
N PRO A 1 -4.00 -2.05 -13.09
CA PRO A 1 -4.89 -1.26 -12.21
C PRO A 1 -4.10 -0.12 -11.57
N MET A 2 -4.78 0.88 -11.09
CA MET A 2 -4.06 2.02 -10.44
C MET A 2 -4.02 1.79 -8.93
N THR A 3 -4.92 1.00 -8.41
CA THR A 3 -4.92 0.73 -6.95
C THR A 3 -3.87 -0.33 -6.62
N LEU A 4 -3.39 -0.35 -5.40
CA LEU A 4 -2.35 -1.36 -5.03
C LEU A 4 -2.65 -1.89 -3.62
N PRO A 5 -2.56 -3.19 -3.42
CA PRO A 5 -2.82 -3.82 -2.09
C PRO A 5 -1.66 -3.60 -1.12
N GLU A 6 -1.82 -3.98 0.12
CA GLU A 6 -0.73 -3.81 1.11
C GLU A 6 0.38 -4.82 0.83
N ASN A 7 0.88 -4.85 -0.38
CA ASN A 7 1.97 -5.80 -0.71
C ASN A 7 2.69 -5.36 -1.98
N TYR A 8 3.07 -4.11 -2.04
CA TYR A 8 3.77 -3.60 -3.25
C TYR A 8 4.62 -2.39 -2.85
N PHE A 9 4.01 -1.40 -2.27
CA PHE A 9 4.76 -0.21 -1.83
C PHE A 9 4.92 -0.28 -0.32
N SER A 10 4.98 0.85 0.32
CA SER A 10 5.11 0.84 1.79
C SER A 10 3.74 0.54 2.40
N GLU A 11 3.53 -0.69 2.80
CA GLU A 11 2.21 -1.06 3.38
C GLU A 11 2.13 -0.56 4.82
N ARG A 12 2.25 0.72 5.00
CA ARG A 12 2.17 1.30 6.36
C ARG A 12 1.85 2.79 6.23
N PRO A 13 1.43 3.41 7.30
CA PRO A 13 1.08 4.86 7.30
C PRO A 13 2.32 5.75 7.23
N TYR A 14 2.97 5.78 6.10
CA TYR A 14 4.19 6.63 5.97
C TYR A 14 3.77 8.08 5.69
N HIS A 15 4.57 9.03 6.10
CA HIS A 15 4.21 10.45 5.88
C HIS A 15 4.84 10.94 4.57
N PRO A 1 -10.34 0.50 -3.17
CA PRO A 1 -10.79 0.47 -4.58
C PRO A 1 -9.71 1.06 -5.48
N MET A 2 -9.78 2.33 -5.77
CA MET A 2 -8.76 2.95 -6.65
C MET A 2 -7.42 3.03 -5.91
N THR A 3 -7.01 1.95 -5.30
CA THR A 3 -5.73 1.96 -4.55
C THR A 3 -4.96 0.66 -4.82
N LEU A 4 -3.72 0.60 -4.46
CA LEU A 4 -2.93 -0.65 -4.70
C LEU A 4 -3.02 -1.57 -3.48
N PRO A 5 -2.64 -2.80 -3.64
CA PRO A 5 -2.68 -3.81 -2.54
C PRO A 5 -1.55 -3.62 -1.52
N GLU A 6 -1.80 -3.94 -0.27
CA GLU A 6 -0.75 -3.79 0.76
C GLU A 6 0.33 -4.84 0.56
N ASN A 7 0.91 -4.91 -0.61
CA ASN A 7 1.97 -5.92 -0.87
C ASN A 7 2.78 -5.50 -2.10
N TYR A 8 3.17 -4.26 -2.15
CA TYR A 8 3.96 -3.77 -3.31
C TYR A 8 4.70 -2.50 -2.90
N PHE A 9 3.99 -1.58 -2.29
CA PHE A 9 4.63 -0.31 -1.85
C PHE A 9 4.78 -0.34 -0.33
N SER A 10 5.00 0.78 0.28
CA SER A 10 5.12 0.81 1.75
C SER A 10 3.71 0.74 2.34
N GLU A 11 3.30 -0.42 2.77
CA GLU A 11 1.93 -0.57 3.31
C GLU A 11 1.90 -0.22 4.81
N ARG A 12 2.53 0.86 5.18
CA ARG A 12 2.53 1.24 6.61
C ARG A 12 1.75 2.55 6.79
N PRO A 13 1.95 3.50 5.92
CA PRO A 13 1.28 4.81 5.96
C PRO A 13 0.05 4.85 5.07
N TYR A 14 -0.68 3.79 5.03
CA TYR A 14 -1.89 3.73 4.18
C TYR A 14 -3.07 4.37 4.92
N HIS A 15 -3.95 5.03 4.22
CA HIS A 15 -5.12 5.67 4.89
C HIS A 15 -6.21 4.63 5.11
N PRO A 1 -10.90 3.72 -2.55
CA PRO A 1 -11.30 2.45 -1.90
C PRO A 1 -10.27 1.35 -2.21
N MET A 2 -10.40 0.21 -1.59
CA MET A 2 -9.44 -0.90 -1.85
C MET A 2 -8.01 -0.41 -1.58
N THR A 3 -7.37 -0.97 -0.58
CA THR A 3 -5.98 -0.54 -0.27
C THR A 3 -4.99 -1.62 -0.73
N LEU A 4 -3.74 -1.31 -0.79
CA LEU A 4 -2.73 -2.31 -1.24
C LEU A 4 -2.33 -3.21 -0.05
N PRO A 5 -2.52 -4.50 -0.15
CA PRO A 5 -2.16 -5.46 0.93
C PRO A 5 -0.65 -5.69 1.04
N GLU A 6 0.04 -4.84 1.77
CA GLU A 6 1.52 -4.99 1.94
C GLU A 6 2.09 -5.90 0.85
N ASN A 7 1.96 -5.50 -0.39
CA ASN A 7 2.50 -6.32 -1.50
C ASN A 7 2.66 -5.45 -2.75
N TYR A 8 3.09 -4.23 -2.55
CA TYR A 8 3.30 -3.31 -3.69
C TYR A 8 4.21 -2.17 -3.21
N PHE A 9 3.84 -1.54 -2.14
CA PHE A 9 4.67 -0.44 -1.58
C PHE A 9 4.74 -0.62 -0.06
N SER A 10 5.10 0.40 0.64
CA SER A 10 5.16 0.29 2.12
C SER A 10 3.74 0.40 2.68
N GLU A 11 3.17 -0.67 3.14
CA GLU A 11 1.79 -0.61 3.68
C GLU A 11 1.82 -0.01 5.09
N ARG A 12 2.29 1.20 5.19
CA ARG A 12 2.34 1.89 6.49
C ARG A 12 2.24 3.39 6.26
N PRO A 13 1.73 4.11 7.22
CA PRO A 13 1.56 5.59 7.11
C PRO A 13 2.90 6.35 7.12
N TYR A 14 3.67 6.23 6.07
CA TYR A 14 4.97 6.96 6.03
C TYR A 14 4.83 8.20 5.13
N HIS A 15 5.16 9.35 5.66
CA HIS A 15 5.03 10.60 4.84
C HIS A 15 6.42 11.20 4.63
N PRO A 1 -9.87 -3.88 -4.46
CA PRO A 1 -10.93 -3.45 -5.38
C PRO A 1 -10.44 -2.29 -6.26
N MET A 2 -9.73 -1.36 -5.68
CA MET A 2 -9.22 -0.21 -6.48
C MET A 2 -7.74 0.02 -6.17
N THR A 3 -7.31 -0.30 -4.98
CA THR A 3 -5.89 -0.10 -4.60
C THR A 3 -5.21 -1.46 -4.42
N LEU A 4 -3.99 -1.47 -3.96
CA LEU A 4 -3.28 -2.76 -3.76
C LEU A 4 -3.05 -2.99 -2.26
N PRO A 5 -3.08 -4.22 -1.83
CA PRO A 5 -2.87 -4.59 -0.41
C PRO A 5 -1.40 -4.46 0.03
N GLU A 6 -1.07 -4.89 1.21
CA GLU A 6 0.33 -4.79 1.68
C GLU A 6 1.20 -5.76 0.88
N ASN A 7 1.41 -5.49 -0.38
CA ASN A 7 2.24 -6.39 -1.21
C ASN A 7 2.78 -5.62 -2.42
N TYR A 8 3.22 -4.41 -2.21
CA TYR A 8 3.76 -3.61 -3.33
C TYR A 8 4.62 -2.47 -2.77
N PHE A 9 4.00 -1.46 -2.24
CA PHE A 9 4.78 -0.32 -1.68
C PHE A 9 4.69 -0.35 -0.15
N SER A 10 5.00 0.75 0.48
CA SER A 10 4.95 0.81 1.96
C SER A 10 3.50 0.96 2.43
N GLU A 11 2.82 -0.13 2.68
CA GLU A 11 1.41 -0.04 3.12
C GLU A 11 1.34 0.21 4.63
N ARG A 12 2.35 0.83 5.14
CA ARG A 12 2.38 1.16 6.60
C ARG A 12 3.42 2.25 6.83
N PRO A 13 4.63 2.03 6.37
CA PRO A 13 5.73 3.02 6.49
C PRO A 13 5.73 4.00 5.33
N TYR A 14 4.59 4.57 5.03
CA TYR A 14 4.50 5.52 3.90
C TYR A 14 4.74 6.95 4.41
N HIS A 15 5.59 7.69 3.76
CA HIS A 15 5.87 9.08 4.20
C HIS A 15 5.75 10.03 3.01
N PRO A 1 -4.15 1.88 -11.66
CA PRO A 1 -5.09 2.54 -10.73
C PRO A 1 -5.97 1.50 -10.05
N MET A 2 -5.45 0.81 -9.07
CA MET A 2 -6.26 -0.23 -8.38
C MET A 2 -6.12 -0.06 -6.86
N THR A 3 -5.57 -1.04 -6.20
CA THR A 3 -5.41 -0.92 -4.72
C THR A 3 -4.08 -1.58 -4.30
N LEU A 4 -3.48 -1.09 -3.26
CA LEU A 4 -2.19 -1.69 -2.80
C LEU A 4 -2.38 -2.31 -1.42
N PRO A 5 -2.87 -3.52 -1.37
CA PRO A 5 -3.11 -4.25 -0.09
C PRO A 5 -1.81 -4.78 0.53
N GLU A 6 -1.11 -3.94 1.24
CA GLU A 6 0.16 -4.38 1.88
C GLU A 6 0.86 -5.43 1.00
N ASN A 7 1.14 -5.11 -0.23
CA ASN A 7 1.81 -6.09 -1.11
C ASN A 7 2.46 -5.37 -2.30
N TYR A 8 2.98 -4.20 -2.08
CA TYR A 8 3.63 -3.45 -3.19
C TYR A 8 4.53 -2.36 -2.62
N PHE A 9 4.01 -1.18 -2.41
CA PHE A 9 4.83 -0.08 -1.85
C PHE A 9 4.98 -0.25 -0.35
N SER A 10 5.02 0.83 0.36
CA SER A 10 5.17 0.74 1.84
C SER A 10 3.82 0.37 2.45
N GLU A 11 3.74 -0.77 3.07
CA GLU A 11 2.47 -1.22 3.67
C GLU A 11 2.24 -0.50 5.01
N ARG A 12 2.23 0.80 5.00
CA ARG A 12 2.01 1.55 6.26
C ARG A 12 1.59 2.99 5.93
N PRO A 13 0.71 3.56 6.71
CA PRO A 13 0.22 4.94 6.50
C PRO A 13 1.28 5.98 6.87
N TYR A 14 2.37 6.01 6.14
CA TYR A 14 3.45 6.99 6.44
C TYR A 14 4.01 7.55 5.13
N HIS A 15 5.07 8.32 5.21
CA HIS A 15 5.66 8.89 3.97
C HIS A 15 7.00 8.20 3.69
N PRO A 1 -12.51 -3.23 -5.63
CA PRO A 1 -12.63 -3.63 -7.05
C PRO A 1 -11.27 -3.50 -7.73
N MET A 2 -10.51 -2.50 -7.39
CA MET A 2 -9.17 -2.33 -8.02
C MET A 2 -8.27 -1.54 -7.08
N THR A 3 -7.86 -2.14 -5.99
CA THR A 3 -6.99 -1.41 -5.03
C THR A 3 -5.70 -2.21 -4.81
N LEU A 4 -4.71 -1.61 -4.19
CA LEU A 4 -3.42 -2.33 -3.96
C LEU A 4 -3.29 -2.64 -2.46
N PRO A 5 -3.31 -3.90 -2.08
CA PRO A 5 -3.18 -4.31 -0.65
C PRO A 5 -1.75 -4.22 -0.14
N GLU A 6 -1.56 -4.40 1.14
CA GLU A 6 -0.19 -4.32 1.72
C GLU A 6 0.73 -5.33 1.02
N ASN A 7 1.05 -5.09 -0.21
CA ASN A 7 1.94 -6.02 -0.95
C ASN A 7 2.52 -5.32 -2.19
N TYR A 8 3.00 -4.12 -2.03
CA TYR A 8 3.58 -3.39 -3.19
C TYR A 8 4.47 -2.27 -2.66
N PHE A 9 3.90 -1.12 -2.37
CA PHE A 9 4.72 -0.01 -1.83
C PHE A 9 4.93 -0.26 -0.34
N SER A 10 5.12 0.76 0.42
CA SER A 10 5.32 0.54 1.88
C SER A 10 3.94 0.28 2.48
N GLU A 11 3.74 -0.88 3.03
CA GLU A 11 2.40 -1.20 3.61
C GLU A 11 2.25 -0.49 4.95
N ARG A 12 2.27 0.81 4.92
CA ARG A 12 2.10 1.59 6.16
C ARG A 12 1.37 2.90 5.80
N PRO A 13 0.68 3.46 6.74
CA PRO A 13 -0.09 4.73 6.52
C PRO A 13 0.82 5.93 6.29
N TYR A 14 1.41 6.03 5.11
CA TYR A 14 2.30 7.19 4.84
C TYR A 14 1.83 7.89 3.56
N HIS A 15 1.16 9.01 3.69
CA HIS A 15 0.68 9.73 2.48
C HIS A 15 0.97 11.22 2.64
N PRO A 1 -11.14 3.19 -3.17
CA PRO A 1 -11.76 2.97 -1.84
C PRO A 1 -10.72 2.41 -0.87
N MET A 2 -10.64 1.11 -0.76
CA MET A 2 -9.65 0.51 0.18
C MET A 2 -8.23 0.90 -0.26
N THR A 3 -7.24 0.24 0.29
CA THR A 3 -5.84 0.57 -0.10
C THR A 3 -5.16 -0.68 -0.67
N LEU A 4 -3.87 -0.65 -0.81
CA LEU A 4 -3.16 -1.84 -1.36
C LEU A 4 -2.99 -2.89 -0.25
N PRO A 5 -3.14 -4.14 -0.59
CA PRO A 5 -3.00 -5.26 0.40
C PRO A 5 -1.55 -5.50 0.80
N GLU A 6 -0.98 -4.61 1.59
CA GLU A 6 0.44 -4.78 2.04
C GLU A 6 1.19 -5.70 1.07
N ASN A 7 1.32 -5.29 -0.16
CA ASN A 7 2.04 -6.14 -1.15
C ASN A 7 2.45 -5.28 -2.35
N TYR A 8 2.96 -4.12 -2.10
CA TYR A 8 3.40 -3.22 -3.22
C TYR A 8 4.37 -2.18 -2.66
N PHE A 9 3.88 -1.02 -2.34
CA PHE A 9 4.76 0.02 -1.75
C PHE A 9 4.95 -0.30 -0.28
N SER A 10 5.10 0.70 0.52
CA SER A 10 5.27 0.44 1.98
C SER A 10 3.88 0.13 2.56
N GLU A 11 3.75 -0.95 3.26
CA GLU A 11 2.42 -1.31 3.81
C GLU A 11 2.12 -0.45 5.03
N ARG A 12 2.31 0.83 4.90
CA ARG A 12 2.05 1.77 6.01
C ARG A 12 1.60 3.10 5.41
N PRO A 13 0.36 3.19 5.00
CA PRO A 13 -0.19 4.42 4.37
C PRO A 13 -0.36 5.56 5.36
N TYR A 14 0.56 6.49 5.37
CA TYR A 14 0.46 7.64 6.31
C TYR A 14 0.74 8.94 5.56
N HIS A 15 0.59 10.06 6.21
CA HIS A 15 0.85 11.36 5.52
C HIS A 15 1.15 12.43 6.57
N PRO A 1 1.51 1.86 -12.27
CA PRO A 1 0.35 2.68 -11.83
C PRO A 1 -0.92 1.81 -11.83
N MET A 2 -1.00 0.86 -10.94
CA MET A 2 -2.21 -0.01 -10.90
C MET A 2 -2.84 0.09 -9.51
N THR A 3 -2.46 -0.77 -8.61
CA THR A 3 -3.04 -0.71 -7.24
C THR A 3 -1.99 -1.15 -6.22
N LEU A 4 -2.15 -0.78 -4.98
CA LEU A 4 -1.15 -1.16 -3.95
C LEU A 4 -1.86 -1.72 -2.71
N PRO A 5 -2.24 -2.97 -2.76
CA PRO A 5 -2.93 -3.63 -1.62
C PRO A 5 -1.96 -4.01 -0.50
N GLU A 6 -1.47 -3.04 0.21
CA GLU A 6 -0.51 -3.31 1.32
C GLU A 6 0.35 -4.53 0.97
N ASN A 7 0.86 -4.57 -0.24
CA ASN A 7 1.71 -5.69 -0.66
C ASN A 7 2.52 -5.29 -1.89
N TYR A 8 3.02 -4.09 -1.90
CA TYR A 8 3.82 -3.60 -3.06
C TYR A 8 4.65 -2.41 -2.60
N PHE A 9 4.00 -1.29 -2.41
CA PHE A 9 4.73 -0.08 -1.93
C PHE A 9 4.96 -0.21 -0.44
N SER A 10 5.02 0.87 0.25
CA SER A 10 5.22 0.80 1.71
C SER A 10 3.89 0.40 2.35
N GLU A 11 3.79 -0.79 2.87
CA GLU A 11 2.52 -1.25 3.46
C GLU A 11 2.33 -0.62 4.84
N ARG A 12 2.35 0.68 4.90
CA ARG A 12 2.16 1.37 6.19
C ARG A 12 1.08 2.45 6.03
N PRO A 13 0.31 2.68 7.05
CA PRO A 13 -0.77 3.71 7.01
C PRO A 13 -0.21 5.14 6.96
N TYR A 14 0.34 5.52 5.85
CA TYR A 14 0.90 6.90 5.74
C TYR A 14 0.07 7.71 4.74
N HIS A 15 -0.68 8.67 5.22
CA HIS A 15 -1.51 9.49 4.29
C HIS A 15 -1.44 10.96 4.72
N PRO A 1 -7.07 9.46 -5.52
CA PRO A 1 -5.86 8.74 -6.01
C PRO A 1 -6.01 7.24 -5.71
N MET A 2 -7.20 6.72 -5.80
CA MET A 2 -7.41 5.27 -5.54
C MET A 2 -6.62 4.87 -4.29
N THR A 3 -6.17 3.65 -4.23
CA THR A 3 -5.40 3.19 -3.03
C THR A 3 -4.45 2.06 -3.44
N LEU A 4 -3.38 1.88 -2.70
CA LEU A 4 -2.42 0.80 -3.05
C LEU A 4 -2.56 -0.35 -2.05
N PRO A 5 -2.39 -1.57 -2.51
CA PRO A 5 -2.49 -2.78 -1.65
C PRO A 5 -1.30 -2.94 -0.70
N GLU A 6 -1.55 -3.35 0.52
CA GLU A 6 -0.45 -3.53 1.50
C GLU A 6 0.46 -4.68 1.05
N ASN A 7 0.87 -4.66 -0.18
CA ASN A 7 1.77 -5.73 -0.68
C ASN A 7 2.48 -5.27 -1.95
N TYR A 8 2.99 -4.07 -1.94
CA TYR A 8 3.70 -3.53 -3.12
C TYR A 8 4.58 -2.36 -2.65
N PHE A 9 3.99 -1.24 -2.42
CA PHE A 9 4.75 -0.06 -1.94
C PHE A 9 4.99 -0.24 -0.44
N SER A 10 5.07 0.84 0.27
CA SER A 10 5.28 0.72 1.74
C SER A 10 3.96 0.33 2.38
N GLU A 11 3.88 -0.84 2.94
CA GLU A 11 2.61 -1.29 3.56
C GLU A 11 2.43 -0.61 4.91
N ARG A 12 2.23 0.68 4.90
CA ARG A 12 2.02 1.44 6.15
C ARG A 12 1.03 2.57 5.91
N PRO A 13 0.18 2.85 6.85
CA PRO A 13 -0.84 3.92 6.72
C PRO A 13 -0.22 5.33 6.75
N TYR A 14 0.32 5.78 5.66
CA TYR A 14 0.93 7.13 5.63
C TYR A 14 -0.06 8.14 5.03
N HIS A 15 -0.34 9.20 5.74
CA HIS A 15 -1.30 10.20 5.21
C HIS A 15 -0.59 11.13 4.23
N PRO A 1 -4.06 -5.07 -13.25
CA PRO A 1 -5.33 -4.62 -13.85
C PRO A 1 -6.02 -3.62 -12.91
N MET A 2 -6.40 -4.07 -11.75
CA MET A 2 -7.08 -3.16 -10.78
C MET A 2 -6.04 -2.47 -9.89
N THR A 3 -6.41 -2.13 -8.69
CA THR A 3 -5.45 -1.46 -7.77
C THR A 3 -4.53 -2.50 -7.13
N LEU A 4 -3.77 -2.11 -6.14
CA LEU A 4 -2.84 -3.07 -5.47
C LEU A 4 -3.04 -3.00 -3.95
N PRO A 5 -3.13 -4.13 -3.29
CA PRO A 5 -3.31 -4.19 -1.81
C PRO A 5 -2.03 -3.86 -1.05
N GLU A 6 -2.12 -3.74 0.25
CA GLU A 6 -0.92 -3.42 1.06
C GLU A 6 0.14 -4.52 0.88
N ASN A 7 0.71 -4.62 -0.29
CA ASN A 7 1.74 -5.66 -0.53
C ASN A 7 2.55 -5.28 -1.77
N TYR A 8 3.01 -4.06 -1.82
CA TYR A 8 3.80 -3.60 -2.99
C TYR A 8 4.66 -2.42 -2.56
N PHE A 9 4.05 -1.28 -2.39
CA PHE A 9 4.80 -0.08 -1.94
C PHE A 9 5.00 -0.18 -0.44
N SER A 10 5.03 0.92 0.22
CA SER A 10 5.20 0.89 1.70
C SER A 10 3.85 0.49 2.30
N GLU A 11 3.73 -0.73 2.74
CA GLU A 11 2.44 -1.19 3.30
C GLU A 11 2.30 -0.66 4.73
N ARG A 12 2.39 0.63 4.88
CA ARG A 12 2.25 1.25 6.20
C ARG A 12 1.13 2.31 6.10
N PRO A 13 0.47 2.60 7.19
CA PRO A 13 -0.63 3.59 7.20
C PRO A 13 -0.12 5.02 6.91
N TYR A 14 0.45 5.23 5.75
CA TYR A 14 0.97 6.58 5.41
C TYR A 14 -0.14 7.40 4.75
N HIS A 15 -0.52 8.49 5.36
CA HIS A 15 -1.60 9.34 4.76
C HIS A 15 -1.01 10.21 3.66
N PRO A 1 -0.72 -1.71 -13.74
CA PRO A 1 -0.75 -1.59 -12.26
C PRO A 1 -1.93 -0.72 -11.84
N MET A 2 -3.13 -1.18 -12.08
CA MET A 2 -4.33 -0.38 -11.69
C MET A 2 -4.37 -0.23 -10.17
N THR A 3 -4.70 -1.27 -9.46
CA THR A 3 -4.75 -1.19 -7.97
C THR A 3 -3.54 -1.89 -7.37
N LEU A 4 -3.35 -1.75 -6.08
CA LEU A 4 -2.19 -2.41 -5.42
C LEU A 4 -2.52 -2.63 -3.94
N PRO A 5 -2.57 -3.87 -3.50
CA PRO A 5 -2.89 -4.20 -2.08
C PRO A 5 -1.68 -3.98 -1.16
N GLU A 6 -1.86 -4.15 0.12
CA GLU A 6 -0.74 -3.94 1.07
C GLU A 6 0.38 -4.93 0.75
N ASN A 7 0.86 -4.95 -0.46
CA ASN A 7 1.95 -5.89 -0.81
C ASN A 7 2.65 -5.43 -2.09
N TYR A 8 3.07 -4.19 -2.15
CA TYR A 8 3.76 -3.69 -3.37
C TYR A 8 4.56 -2.44 -3.02
N PHE A 9 4.03 -1.60 -2.17
CA PHE A 9 4.76 -0.36 -1.77
C PHE A 9 4.93 -0.35 -0.26
N SER A 10 5.07 0.81 0.31
CA SER A 10 5.21 0.90 1.79
C SER A 10 3.82 0.74 2.40
N GLU A 11 3.48 -0.47 2.77
CA GLU A 11 2.14 -0.71 3.34
C GLU A 11 2.09 -0.25 4.79
N ARG A 12 2.55 0.94 5.07
CA ARG A 12 2.50 1.45 6.45
C ARG A 12 1.20 2.22 6.65
N PRO A 13 0.88 3.09 5.74
CA PRO A 13 -0.36 3.90 5.78
C PRO A 13 -1.52 3.21 5.09
N TYR A 14 -1.52 1.92 5.09
CA TYR A 14 -2.61 1.15 4.43
C TYR A 14 -2.61 -0.27 4.99
N HIS A 15 -2.70 -0.42 6.29
CA HIS A 15 -2.71 -1.78 6.88
C HIS A 15 -3.84 -1.88 7.91
N PRO A 1 -5.76 -0.93 -12.51
CA PRO A 1 -6.89 -1.87 -12.35
C PRO A 1 -6.90 -2.44 -10.93
N MET A 2 -6.22 -3.52 -10.70
CA MET A 2 -6.18 -4.11 -9.33
C MET A 2 -5.72 -3.06 -8.34
N THR A 3 -5.47 -3.45 -7.13
CA THR A 3 -5.01 -2.47 -6.10
C THR A 3 -3.59 -2.83 -5.66
N LEU A 4 -3.08 -2.17 -4.65
CA LEU A 4 -1.70 -2.49 -4.19
C LEU A 4 -1.64 -2.48 -2.64
N PRO A 5 -2.10 -3.54 -2.03
CA PRO A 5 -2.09 -3.67 -0.55
C PRO A 5 -0.68 -4.00 -0.03
N GLU A 6 -0.59 -4.54 1.14
CA GLU A 6 0.75 -4.89 1.69
C GLU A 6 1.44 -5.89 0.76
N ASN A 7 1.61 -5.51 -0.48
CA ASN A 7 2.28 -6.40 -1.46
C ASN A 7 2.75 -5.56 -2.63
N TYR A 8 3.17 -4.37 -2.36
CA TYR A 8 3.65 -3.46 -3.43
C TYR A 8 4.51 -2.36 -2.80
N PHE A 9 3.88 -1.31 -2.33
CA PHE A 9 4.65 -0.21 -1.68
C PHE A 9 4.64 -0.43 -0.17
N SER A 10 5.01 0.55 0.58
CA SER A 10 5.02 0.40 2.06
C SER A 10 3.59 0.54 2.59
N GLU A 11 2.98 -0.54 2.99
CA GLU A 11 1.60 -0.46 3.51
C GLU A 11 1.65 0.05 4.95
N ARG A 12 2.47 1.03 5.18
CA ARG A 12 2.59 1.61 6.54
C ARG A 12 2.59 3.13 6.41
N PRO A 13 2.46 3.83 7.50
CA PRO A 13 2.45 5.30 7.52
C PRO A 13 3.86 5.90 7.31
N TYR A 14 4.48 5.59 6.20
CA TYR A 14 5.85 6.14 5.96
C TYR A 14 5.97 6.62 4.51
N HIS A 15 6.05 7.90 4.31
CA HIS A 15 6.18 8.42 2.92
C HIS A 15 7.50 9.18 2.78
N PRO A 1 -5.89 -0.35 -13.53
CA PRO A 1 -7.22 -0.96 -13.71
C PRO A 1 -7.77 -1.41 -12.36
N MET A 2 -7.11 -2.35 -11.72
CA MET A 2 -7.60 -2.84 -10.41
C MET A 2 -6.78 -2.18 -9.29
N THR A 3 -6.99 -2.60 -8.07
CA THR A 3 -6.23 -2.00 -6.93
C THR A 3 -5.10 -2.94 -6.52
N LEU A 4 -4.20 -2.48 -5.70
CA LEU A 4 -3.08 -3.36 -5.26
C LEU A 4 -3.20 -3.63 -3.76
N PRO A 5 -3.02 -4.85 -3.34
CA PRO A 5 -3.13 -5.25 -1.91
C PRO A 5 -1.92 -4.77 -1.08
N GLU A 6 -1.98 -4.93 0.21
CA GLU A 6 -0.85 -4.50 1.06
C GLU A 6 0.38 -5.35 0.77
N ASN A 7 0.86 -5.30 -0.44
CA ASN A 7 2.06 -6.10 -0.80
C ASN A 7 2.69 -5.50 -2.06
N TYR A 8 3.13 -4.26 -1.97
CA TYR A 8 3.75 -3.59 -3.14
C TYR A 8 4.65 -2.46 -2.63
N PHE A 9 4.07 -1.34 -2.31
CA PHE A 9 4.87 -0.20 -1.79
C PHE A 9 4.88 -0.24 -0.27
N SER A 10 5.05 0.89 0.34
CA SER A 10 5.07 0.93 1.83
C SER A 10 3.64 0.86 2.34
N GLU A 11 3.14 -0.33 2.55
CA GLU A 11 1.75 -0.47 3.05
C GLU A 11 1.71 -0.25 4.55
N ARG A 12 2.50 0.67 5.02
CA ARG A 12 2.52 0.96 6.47
C ARG A 12 2.28 2.46 6.71
N PRO A 13 3.09 3.31 6.14
CA PRO A 13 2.94 4.78 6.29
C PRO A 13 1.88 5.35 5.34
N TYR A 14 0.84 4.61 5.14
CA TYR A 14 -0.25 5.09 4.23
C TYR A 14 -1.58 5.12 4.98
N HIS A 15 -2.44 6.04 4.66
CA HIS A 15 -3.75 6.12 5.36
C HIS A 15 -4.88 6.03 4.34
N PRO A 1 -9.87 -6.60 -14.44
CA PRO A 1 -8.88 -5.62 -13.97
C PRO A 1 -8.58 -5.85 -12.48
N MET A 2 -7.38 -5.55 -12.06
CA MET A 2 -7.03 -5.75 -10.63
C MET A 2 -6.00 -4.70 -10.20
N THR A 3 -5.70 -4.62 -8.92
CA THR A 3 -4.72 -3.60 -8.45
C THR A 3 -3.69 -4.28 -7.54
N LEU A 4 -2.80 -3.52 -6.96
CA LEU A 4 -1.78 -4.14 -6.06
C LEU A 4 -2.27 -4.06 -4.60
N PRO A 5 -2.33 -5.18 -3.92
CA PRO A 5 -2.80 -5.22 -2.50
C PRO A 5 -1.74 -4.70 -1.54
N GLU A 6 -2.03 -4.64 -0.27
CA GLU A 6 -1.04 -4.13 0.71
C GLU A 6 0.21 -5.01 0.67
N ASN A 7 0.86 -5.08 -0.46
CA ASN A 7 2.09 -5.90 -0.56
C ASN A 7 2.89 -5.47 -1.79
N TYR A 8 3.17 -4.20 -1.92
CA TYR A 8 3.94 -3.72 -3.10
C TYR A 8 4.74 -2.49 -2.67
N PHE A 9 4.07 -1.49 -2.17
CA PHE A 9 4.78 -0.26 -1.73
C PHE A 9 4.78 -0.21 -0.20
N SER A 10 4.92 0.95 0.35
CA SER A 10 4.91 1.08 1.82
C SER A 10 3.46 1.00 2.31
N GLU A 11 2.92 -0.19 2.40
CA GLU A 11 1.52 -0.33 2.85
C GLU A 11 1.47 -0.21 4.36
N ARG A 12 2.38 0.54 4.91
CA ARG A 12 2.41 0.74 6.37
C ARG A 12 3.27 1.96 6.70
N PRO A 13 4.49 1.99 6.22
CA PRO A 13 5.42 3.12 6.46
C PRO A 13 5.19 4.26 5.46
N TYR A 14 3.96 4.50 5.13
CA TYR A 14 3.65 5.60 4.16
C TYR A 14 3.23 6.85 4.93
N HIS A 15 4.07 7.85 4.97
CA HIS A 15 3.72 9.09 5.71
C HIS A 15 4.37 10.30 5.03
N PRO A 1 -13.10 -6.01 -2.81
CA PRO A 1 -11.86 -6.80 -3.01
C PRO A 1 -10.86 -5.99 -3.82
N MET A 2 -10.77 -4.71 -3.57
CA MET A 2 -9.80 -3.87 -4.34
C MET A 2 -8.96 -3.03 -3.37
N THR A 3 -7.76 -3.47 -3.09
CA THR A 3 -6.90 -2.69 -2.16
C THR A 3 -5.43 -3.10 -2.36
N LEU A 4 -4.51 -2.25 -1.99
CA LEU A 4 -3.07 -2.59 -2.16
C LEU A 4 -2.43 -2.84 -0.80
N PRO A 5 -2.34 -4.09 -0.39
CA PRO A 5 -1.73 -4.47 0.91
C PRO A 5 -0.20 -4.45 0.87
N GLU A 6 0.44 -4.92 1.91
CA GLU A 6 1.92 -4.92 1.95
C GLU A 6 2.46 -5.80 0.81
N ASN A 7 1.99 -5.58 -0.39
CA ASN A 7 2.48 -6.38 -1.54
C ASN A 7 2.62 -5.48 -2.76
N TYR A 8 3.04 -4.28 -2.54
CA TYR A 8 3.22 -3.32 -3.68
C TYR A 8 4.13 -2.19 -3.23
N PHE A 9 3.89 -1.64 -2.08
CA PHE A 9 4.73 -0.54 -1.56
C PHE A 9 4.80 -0.63 -0.04
N SER A 10 5.16 0.44 0.61
CA SER A 10 5.23 0.41 2.09
C SER A 10 3.82 0.55 2.64
N GLU A 11 3.20 -0.54 3.03
CA GLU A 11 1.83 -0.48 3.56
C GLU A 11 1.84 0.01 5.00
N ARG A 12 2.21 1.24 5.22
CA ARG A 12 2.23 1.79 6.60
C ARG A 12 2.20 3.32 6.52
N PRO A 13 3.15 3.92 5.86
CA PRO A 13 3.20 5.40 5.71
C PRO A 13 2.07 5.91 4.82
N TYR A 14 0.93 5.30 4.93
CA TYR A 14 -0.25 5.72 4.12
C TYR A 14 -1.09 6.69 4.92
N HIS A 15 -1.05 7.96 4.57
CA HIS A 15 -1.87 8.95 5.32
C HIS A 15 -3.08 9.36 4.48
N PRO A 1 -12.49 -0.37 1.08
CA PRO A 1 -11.05 -0.52 0.79
C PRO A 1 -10.24 0.40 1.71
N MET A 2 -8.94 0.39 1.58
CA MET A 2 -8.09 1.26 2.44
C MET A 2 -6.73 1.47 1.78
N THR A 3 -5.85 0.52 1.91
CA THR A 3 -4.50 0.66 1.29
C THR A 3 -4.07 -0.69 0.70
N LEU A 4 -2.85 -0.78 0.23
CA LEU A 4 -2.37 -2.06 -0.35
C LEU A 4 -1.95 -3.01 0.78
N PRO A 5 -2.23 -4.28 0.63
CA PRO A 5 -1.86 -5.31 1.65
C PRO A 5 -0.36 -5.61 1.65
N GLU A 6 0.46 -4.65 2.00
CA GLU A 6 1.92 -4.88 2.01
C GLU A 6 2.30 -5.84 0.88
N ASN A 7 2.08 -5.44 -0.34
CA ASN A 7 2.41 -6.32 -1.50
C ASN A 7 2.62 -5.44 -2.73
N TYR A 8 3.09 -4.26 -2.51
CA TYR A 8 3.35 -3.31 -3.63
C TYR A 8 4.30 -2.23 -3.14
N PHE A 9 3.87 -1.49 -2.15
CA PHE A 9 4.72 -0.42 -1.56
C PHE A 9 4.72 -0.57 -0.05
N SER A 10 5.03 0.47 0.66
CA SER A 10 5.04 0.37 2.14
C SER A 10 3.59 0.43 2.65
N GLU A 11 3.09 -0.66 3.17
CA GLU A 11 1.70 -0.66 3.67
C GLU A 11 1.68 0.02 5.04
N ARG A 12 2.42 1.07 5.17
CA ARG A 12 2.49 1.82 6.43
C ARG A 12 2.43 3.32 6.13
N PRO A 13 1.80 4.09 6.98
CA PRO A 13 1.68 5.56 6.79
C PRO A 13 3.02 6.28 6.99
N TYR A 14 3.95 6.07 6.11
CA TYR A 14 5.27 6.74 6.24
C TYR A 14 5.82 7.07 4.85
N HIS A 15 6.30 8.28 4.66
CA HIS A 15 6.85 8.65 3.33
C HIS A 15 8.36 8.35 3.29
N PRO A 1 -8.12 7.07 0.79
CA PRO A 1 -8.21 6.93 -0.67
C PRO A 1 -8.07 5.46 -1.06
N MET A 2 -8.07 4.59 -0.09
CA MET A 2 -7.95 3.14 -0.38
C MET A 2 -6.72 2.89 -1.24
N THR A 3 -5.74 2.19 -0.72
CA THR A 3 -4.51 1.92 -1.50
C THR A 3 -4.32 0.41 -1.65
N LEU A 4 -3.20 -0.02 -2.16
CA LEU A 4 -2.94 -1.47 -2.32
C LEU A 4 -2.49 -2.06 -0.98
N PRO A 5 -2.62 -3.35 -0.82
CA PRO A 5 -2.22 -4.05 0.43
C PRO A 5 -0.70 -4.15 0.57
N GLU A 6 -0.22 -4.42 1.76
CA GLU A 6 1.25 -4.51 1.96
C GLU A 6 1.83 -5.58 1.02
N ASN A 7 1.82 -5.32 -0.25
CA ASN A 7 2.39 -6.30 -1.22
C ASN A 7 2.71 -5.58 -2.52
N TYR A 8 3.12 -4.35 -2.40
CA TYR A 8 3.48 -3.55 -3.62
C TYR A 8 4.35 -2.37 -3.18
N PHE A 9 3.99 -1.74 -2.11
CA PHE A 9 4.79 -0.58 -1.62
C PHE A 9 4.75 -0.56 -0.09
N SER A 10 5.13 0.54 0.49
CA SER A 10 5.12 0.64 1.98
C SER A 10 3.69 0.91 2.47
N GLU A 11 2.92 -0.14 2.70
CA GLU A 11 1.53 0.06 3.17
C GLU A 11 1.50 0.20 4.69
N ARG A 12 2.39 0.98 5.24
CA ARG A 12 2.39 1.16 6.70
C ARG A 12 2.56 2.66 7.04
N PRO A 13 3.76 3.20 7.24
CA PRO A 13 3.90 4.66 7.53
C PRO A 13 3.79 5.50 6.25
N TYR A 14 2.88 5.16 5.39
CA TYR A 14 2.73 5.93 4.13
C TYR A 14 1.92 7.20 4.39
N HIS A 15 2.35 8.32 3.86
CA HIS A 15 1.61 9.60 4.08
C HIS A 15 1.55 10.39 2.78
N PRO A 1 -4.26 -2.00 -11.64
CA PRO A 1 -5.68 -2.32 -11.94
C PRO A 1 -6.27 -3.19 -10.82
N MET A 2 -5.72 -3.10 -9.64
CA MET A 2 -6.25 -3.91 -8.51
C MET A 2 -6.02 -3.16 -7.19
N THR A 3 -5.96 -3.87 -6.10
CA THR A 3 -5.74 -3.20 -4.79
C THR A 3 -4.30 -3.39 -4.34
N LEU A 4 -3.94 -2.87 -3.20
CA LEU A 4 -2.54 -3.04 -2.70
C LEU A 4 -2.54 -3.78 -1.37
N PRO A 5 -2.56 -5.09 -1.43
CA PRO A 5 -2.56 -5.94 -0.20
C PRO A 5 -1.16 -6.03 0.41
N GLU A 6 -0.74 -5.00 1.10
CA GLU A 6 0.62 -5.01 1.71
C GLU A 6 1.57 -5.85 0.85
N ASN A 7 1.63 -5.56 -0.41
CA ASN A 7 2.54 -6.33 -1.31
C ASN A 7 2.79 -5.51 -2.58
N TYR A 8 3.06 -4.24 -2.42
CA TYR A 8 3.32 -3.37 -3.61
C TYR A 8 4.21 -2.21 -3.19
N PHE A 9 3.97 -1.66 -2.03
CA PHE A 9 4.79 -0.53 -1.53
C PHE A 9 4.79 -0.56 -0.01
N SER A 10 5.12 0.53 0.61
CA SER A 10 5.11 0.57 2.10
C SER A 10 3.68 0.71 2.59
N GLU A 11 3.02 -0.39 2.88
CA GLU A 11 1.61 -0.32 3.35
C GLU A 11 1.60 0.10 4.81
N ARG A 12 2.48 0.99 5.16
CA ARG A 12 2.55 1.49 6.54
C ARG A 12 2.37 3.00 6.51
N PRO A 13 2.18 3.61 7.65
CA PRO A 13 1.99 5.08 7.74
C PRO A 13 3.28 5.85 7.39
N TYR A 14 3.79 5.66 6.20
CA TYR A 14 5.05 6.37 5.82
C TYR A 14 4.73 7.41 4.74
N HIS A 15 5.24 8.59 4.88
CA HIS A 15 4.97 9.66 3.86
C HIS A 15 6.27 10.02 3.14
#